data_1IRR
#
_entry.id   1IRR
#
_entity_poly.entity_id   1
_entity_poly.type   'polypeptide(L)'
_entity_poly.pdbx_seq_one_letter_code
;ENFVGGCATGFKRTADGRCKPTF
;
_entity_poly.pdbx_strand_id   A
#
# COMPACT_ATOMS: atom_id res chain seq x y z
N GLU A 1 8.82 3.52 -14.03
CA GLU A 1 7.91 2.36 -13.88
C GLU A 1 7.93 1.82 -12.46
N ASN A 2 7.39 2.60 -11.52
CA ASN A 2 7.36 2.19 -10.12
C ASN A 2 6.31 2.98 -9.35
N PHE A 3 5.88 4.10 -9.92
CA PHE A 3 4.88 4.95 -9.28
C PHE A 3 3.54 4.85 -10.00
N VAL A 4 3.39 3.81 -10.81
CA VAL A 4 2.15 3.61 -11.56
C VAL A 4 1.23 2.63 -10.82
N GLY A 5 1.82 1.85 -9.92
CA GLY A 5 1.06 0.89 -9.15
C GLY A 5 1.65 0.68 -7.76
N GLY A 6 0.81 0.28 -6.81
CA GLY A 6 1.29 0.07 -5.46
C GLY A 6 0.53 -1.02 -4.72
N CYS A 7 -0.32 -0.62 -3.79
CA CYS A 7 -1.09 -1.57 -2.99
C CYS A 7 -2.37 -2.00 -3.71
N ALA A 8 -2.97 -3.08 -3.23
CA ALA A 8 -4.20 -3.60 -3.81
C ALA A 8 -5.43 -2.99 -3.14
N THR A 9 -6.60 -3.44 -3.58
CA THR A 9 -7.87 -2.94 -3.03
C THR A 9 -7.88 -3.01 -1.51
N GLY A 10 -7.69 -4.21 -0.97
CA GLY A 10 -7.69 -4.40 0.47
C GLY A 10 -6.36 -4.06 1.11
N PHE A 11 -5.43 -3.55 0.31
CA PHE A 11 -4.11 -3.19 0.81
C PHE A 11 -3.93 -1.68 0.84
N LYS A 12 -3.60 -1.16 2.02
CA LYS A 12 -3.40 0.29 2.19
C LYS A 12 -1.95 0.59 2.56
N ARG A 13 -1.47 1.75 2.14
CA ARG A 13 -0.10 2.17 2.43
C ARG A 13 0.02 2.67 3.86
N THR A 14 1.12 2.31 4.52
CA THR A 14 1.35 2.73 5.89
C THR A 14 2.24 3.98 5.94
N ALA A 15 1.89 4.92 6.81
CA ALA A 15 2.64 6.16 6.94
C ALA A 15 4.02 5.92 7.54
N ASP A 16 4.39 4.65 7.71
CA ASP A 16 5.69 4.30 8.26
C ASP A 16 6.19 2.96 7.72
N GLY A 17 5.41 2.36 6.83
CA GLY A 17 5.80 1.08 6.26
C GLY A 17 5.65 1.04 4.75
N ARG A 18 4.83 0.11 4.27
CA ARG A 18 4.59 -0.04 2.84
C ARG A 18 3.15 -0.45 2.57
N CYS A 19 2.93 -1.10 1.42
CA CYS A 19 1.59 -1.55 1.05
C CYS A 19 1.23 -2.85 1.77
N LYS A 20 0.49 -2.73 2.86
CA LYS A 20 0.09 -3.89 3.66
C LYS A 20 -1.43 -3.95 3.79
N PRO A 21 -2.00 -5.14 4.04
CA PRO A 21 -3.45 -5.32 4.20
C PRO A 21 -4.06 -4.32 5.16
N THR A 22 -4.66 -3.26 4.60
CA THR A 22 -5.29 -2.22 5.40
C THR A 22 -4.36 -1.70 6.48
N PHE A 23 -3.47 -0.78 6.09
CA PHE A 23 -2.51 -0.18 7.03
C PHE A 23 -1.70 -1.27 7.73
N GLU A 1 7.09 2.95 -16.65
CA GLU A 1 5.66 3.03 -17.03
C GLU A 1 5.15 1.68 -17.54
N ASN A 2 5.84 0.61 -17.15
CA ASN A 2 5.46 -0.74 -17.57
C ASN A 2 5.38 -1.67 -16.37
N PHE A 3 6.35 -1.56 -15.47
CA PHE A 3 6.39 -2.39 -14.27
C PHE A 3 6.26 -1.54 -13.01
N VAL A 4 5.19 -0.76 -12.93
CA VAL A 4 4.94 0.09 -11.78
C VAL A 4 3.63 -0.26 -11.10
N GLY A 5 3.64 -0.33 -9.77
CA GLY A 5 2.44 -0.67 -9.03
C GLY A 5 2.52 -0.25 -7.57
N GLY A 6 1.44 -0.51 -6.84
CA GLY A 6 1.40 -0.14 -5.43
C GLY A 6 0.59 -1.13 -4.61
N CYS A 7 -0.30 -0.60 -3.77
CA CYS A 7 -1.14 -1.45 -2.93
C CYS A 7 -2.47 -1.73 -3.60
N ALA A 8 -3.04 -2.90 -3.30
CA ALA A 8 -4.33 -3.30 -3.88
C ALA A 8 -5.49 -2.77 -3.07
N THR A 9 -6.70 -3.13 -3.49
CA THR A 9 -7.93 -2.70 -2.82
C THR A 9 -7.85 -2.97 -1.32
N GLY A 10 -7.53 -4.21 -0.95
CA GLY A 10 -7.43 -4.58 0.45
C GLY A 10 -6.11 -4.19 1.06
N PHE A 11 -5.23 -3.60 0.26
CA PHE A 11 -3.92 -3.18 0.74
C PHE A 11 -3.82 -1.66 0.81
N LYS A 12 -3.47 -1.15 1.98
CA LYS A 12 -3.34 0.29 2.19
C LYS A 12 -1.89 0.68 2.44
N ARG A 13 -1.53 1.89 2.02
CA ARG A 13 -0.17 2.39 2.20
C ARG A 13 0.03 2.94 3.60
N THR A 14 0.98 2.37 4.34
CA THR A 14 1.26 2.82 5.70
C THR A 14 2.28 3.96 5.69
N ALA A 15 1.95 5.03 6.41
CA ALA A 15 2.83 6.19 6.49
C ALA A 15 4.08 5.88 7.30
N ASP A 16 4.27 4.60 7.63
CA ASP A 16 5.42 4.18 8.41
C ASP A 16 6.01 2.88 7.85
N GLY A 17 5.28 2.24 6.94
CA GLY A 17 5.75 1.00 6.37
C GLY A 17 5.61 0.97 4.85
N ARG A 18 4.76 0.08 4.36
CA ARG A 18 4.55 -0.06 2.91
C ARG A 18 3.11 -0.52 2.64
N CYS A 19 2.91 -1.21 1.52
CA CYS A 19 1.59 -1.70 1.16
C CYS A 19 1.23 -2.96 1.94
N LYS A 20 0.50 -2.79 3.03
CA LYS A 20 0.11 -3.90 3.88
C LYS A 20 -1.42 -4.03 3.92
N PRO A 21 -1.94 -5.25 4.19
CA PRO A 21 -3.38 -5.48 4.25
C PRO A 21 -4.09 -4.52 5.18
N THR A 22 -4.61 -3.42 4.62
CA THR A 22 -5.32 -2.42 5.39
C THR A 22 -4.50 -1.97 6.60
N PHE A 23 -3.55 -1.07 6.35
CA PHE A 23 -2.68 -0.55 7.41
C PHE A 23 -1.92 -1.69 8.09
N GLU A 1 5.13 -8.02 -3.86
CA GLU A 1 4.95 -9.47 -4.18
C GLU A 1 5.15 -9.74 -5.66
N ASN A 2 4.21 -9.26 -6.48
CA ASN A 2 4.29 -9.45 -7.92
C ASN A 2 4.70 -8.16 -8.62
N PHE A 3 4.63 -7.06 -7.88
CA PHE A 3 5.01 -5.75 -8.43
C PHE A 3 5.30 -4.77 -7.30
N VAL A 4 6.38 -4.01 -7.48
CA VAL A 4 6.78 -3.02 -6.49
C VAL A 4 6.10 -1.67 -6.75
N GLY A 5 4.84 -1.72 -7.18
CA GLY A 5 4.11 -0.50 -7.46
C GLY A 5 3.25 -0.06 -6.29
N GLY A 6 1.96 0.10 -6.54
CA GLY A 6 1.05 0.52 -5.48
C GLY A 6 0.43 -0.64 -4.74
N CYS A 7 -0.45 -0.34 -3.79
CA CYS A 7 -1.12 -1.37 -3.01
C CYS A 7 -2.43 -1.78 -3.67
N ALA A 8 -2.96 -2.93 -3.24
CA ALA A 8 -4.20 -3.45 -3.80
C ALA A 8 -5.41 -2.87 -3.07
N THR A 9 -6.60 -3.28 -3.50
CA THR A 9 -7.84 -2.80 -2.89
C THR A 9 -7.83 -3.01 -1.38
N GLY A 10 -7.57 -4.25 -0.96
CA GLY A 10 -7.53 -4.56 0.45
C GLY A 10 -6.20 -4.21 1.10
N PHE A 11 -5.33 -3.58 0.32
CA PHE A 11 -4.01 -3.18 0.82
C PHE A 11 -3.90 -1.67 0.92
N LYS A 12 -3.66 -1.17 2.12
CA LYS A 12 -3.51 0.27 2.34
C LYS A 12 -2.05 0.62 2.59
N ARG A 13 -1.63 1.77 2.08
CA ARG A 13 -0.25 2.22 2.25
C ARG A 13 -0.01 2.79 3.64
N THR A 14 0.88 2.16 4.40
CA THR A 14 1.20 2.60 5.75
C THR A 14 2.16 3.79 5.72
N ALA A 15 1.83 4.83 6.47
CA ALA A 15 2.66 6.03 6.53
C ALA A 15 3.94 5.79 7.33
N ASP A 16 4.24 4.52 7.60
CA ASP A 16 5.44 4.17 8.36
C ASP A 16 6.07 2.89 7.84
N GLY A 17 5.45 2.28 6.83
CA GLY A 17 5.98 1.05 6.28
C GLY A 17 5.85 0.97 4.77
N ARG A 18 4.95 0.10 4.30
CA ARG A 18 4.73 -0.07 2.87
C ARG A 18 3.29 -0.49 2.61
N CYS A 19 3.07 -1.21 1.50
CA CYS A 19 1.73 -1.65 1.13
C CYS A 19 1.34 -2.90 1.94
N LYS A 20 0.59 -2.67 3.01
CA LYS A 20 0.14 -3.76 3.87
C LYS A 20 -1.39 -3.86 3.89
N PRO A 21 -1.94 -5.05 4.17
CA PRO A 21 -3.39 -5.26 4.21
C PRO A 21 -4.09 -4.27 5.14
N THR A 22 -4.70 -3.24 4.55
CA THR A 22 -5.41 -2.21 5.31
C THR A 22 -4.56 -1.71 6.48
N PHE A 23 -3.52 -0.95 6.17
CA PHE A 23 -2.62 -0.40 7.18
C PHE A 23 -2.03 -1.50 8.03
N GLU A 1 4.59 11.07 -5.09
CA GLU A 1 5.28 10.43 -3.94
C GLU A 1 6.21 9.32 -4.41
N ASN A 2 5.66 8.34 -5.13
CA ASN A 2 6.44 7.23 -5.64
C ASN A 2 5.80 6.64 -6.89
N PHE A 3 6.61 6.46 -7.93
CA PHE A 3 6.13 5.90 -9.18
C PHE A 3 6.63 4.47 -9.38
N VAL A 4 6.89 3.78 -8.27
CA VAL A 4 7.37 2.41 -8.32
C VAL A 4 6.75 1.57 -7.21
N GLY A 5 5.58 1.99 -6.75
CA GLY A 5 4.89 1.26 -5.70
C GLY A 5 3.39 1.34 -5.84
N GLY A 6 2.69 0.30 -5.36
CA GLY A 6 1.25 0.27 -5.45
C GLY A 6 0.63 -0.85 -4.64
N CYS A 7 -0.41 -0.54 -3.89
CA CYS A 7 -1.08 -1.52 -3.06
C CYS A 7 -2.39 -1.97 -3.70
N ALA A 8 -2.93 -3.09 -3.22
CA ALA A 8 -4.19 -3.63 -3.75
C ALA A 8 -5.39 -2.96 -3.09
N THR A 9 -6.58 -3.34 -3.54
CA THR A 9 -7.82 -2.78 -3.01
C THR A 9 -7.86 -2.92 -1.48
N GLY A 10 -7.56 -4.12 -0.99
CA GLY A 10 -7.57 -4.37 0.44
C GLY A 10 -6.28 -3.94 1.11
N PHE A 11 -5.27 -3.64 0.29
CA PHE A 11 -3.97 -3.23 0.81
C PHE A 11 -3.88 -1.70 0.90
N LYS A 12 -3.70 -1.20 2.11
CA LYS A 12 -3.61 0.24 2.33
C LYS A 12 -2.16 0.65 2.61
N ARG A 13 -1.77 1.81 2.07
CA ARG A 13 -0.42 2.31 2.26
C ARG A 13 -0.20 2.79 3.69
N THR A 14 0.91 2.37 4.29
CA THR A 14 1.23 2.75 5.65
C THR A 14 2.26 3.88 5.68
N ALA A 15 1.97 4.93 6.44
CA ALA A 15 2.86 6.07 6.54
C ALA A 15 4.06 5.75 7.43
N ASP A 16 4.29 4.46 7.68
CA ASP A 16 5.41 4.04 8.51
C ASP A 16 6.04 2.75 7.99
N GLY A 17 5.56 2.28 6.84
CA GLY A 17 6.09 1.06 6.27
C GLY A 17 5.93 0.99 4.77
N ARG A 18 4.91 0.26 4.32
CA ARG A 18 4.65 0.10 2.89
C ARG A 18 3.20 -0.36 2.65
N CYS A 19 2.98 -1.03 1.52
CA CYS A 19 1.64 -1.51 1.18
C CYS A 19 1.32 -2.80 1.92
N LYS A 20 0.47 -2.69 2.94
CA LYS A 20 0.08 -3.85 3.74
C LYS A 20 -1.45 -3.94 3.84
N PRO A 21 -1.98 -5.16 4.10
CA PRO A 21 -3.43 -5.38 4.22
C PRO A 21 -4.08 -4.40 5.19
N THR A 22 -4.64 -3.32 4.65
CA THR A 22 -5.30 -2.31 5.46
C THR A 22 -4.39 -1.81 6.58
N PHE A 23 -3.38 -1.03 6.21
CA PHE A 23 -2.43 -0.48 7.18
C PHE A 23 -1.76 -1.60 7.97
N GLU A 1 13.38 4.65 0.08
CA GLU A 1 12.19 4.34 0.92
C GLU A 1 10.93 4.22 0.06
N ASN A 2 11.00 4.75 -1.15
CA ASN A 2 9.87 4.69 -2.08
C ASN A 2 8.63 5.34 -1.47
N PHE A 3 8.48 6.64 -1.72
CA PHE A 3 7.32 7.39 -1.20
C PHE A 3 6.14 7.29 -2.15
N VAL A 4 6.28 6.43 -3.16
CA VAL A 4 5.21 6.25 -4.15
C VAL A 4 5.14 4.79 -4.60
N GLY A 5 3.95 4.21 -4.53
CA GLY A 5 3.76 2.83 -4.93
C GLY A 5 2.33 2.52 -5.29
N GLY A 6 1.96 1.25 -5.25
CA GLY A 6 0.61 0.85 -5.57
C GLY A 6 0.14 -0.36 -4.79
N CYS A 7 -0.70 -0.12 -3.78
CA CYS A 7 -1.22 -1.20 -2.95
C CYS A 7 -2.50 -1.77 -3.54
N ALA A 8 -2.82 -3.00 -3.17
CA ALA A 8 -4.03 -3.67 -3.66
C ALA A 8 -5.28 -3.05 -3.05
N THR A 9 -6.44 -3.54 -3.47
CA THR A 9 -7.71 -3.05 -2.97
C THR A 9 -7.77 -3.13 -1.45
N GLY A 10 -7.53 -4.32 -0.91
CA GLY A 10 -7.54 -4.50 0.53
C GLY A 10 -6.24 -4.09 1.17
N PHE A 11 -5.32 -3.58 0.35
CA PHE A 11 -4.01 -3.15 0.83
C PHE A 11 -3.93 -1.62 0.87
N LYS A 12 -3.63 -1.09 2.05
CA LYS A 12 -3.53 0.35 2.22
C LYS A 12 -2.07 0.77 2.43
N ARG A 13 -1.72 1.95 1.93
CA ARG A 13 -0.37 2.47 2.05
C ARG A 13 -0.09 2.97 3.47
N THR A 14 0.74 2.23 4.20
CA THR A 14 1.09 2.59 5.56
C THR A 14 2.18 3.65 5.59
N ALA A 15 1.92 4.76 6.27
CA ALA A 15 2.87 5.85 6.37
C ALA A 15 3.97 5.54 7.39
N ASP A 16 4.20 4.24 7.62
CA ASP A 16 5.22 3.81 8.57
C ASP A 16 6.00 2.62 8.02
N GLY A 17 5.56 2.10 6.88
CA GLY A 17 6.23 0.96 6.27
C GLY A 17 6.03 0.91 4.76
N ARG A 18 4.99 0.20 4.33
CA ARG A 18 4.70 0.07 2.91
C ARG A 18 3.24 -0.32 2.68
N CYS A 19 2.96 -0.96 1.55
CA CYS A 19 1.60 -1.38 1.23
C CYS A 19 1.25 -2.67 1.96
N LYS A 20 0.52 -2.54 3.07
CA LYS A 20 0.12 -3.68 3.87
C LYS A 20 -1.41 -3.80 3.91
N PRO A 21 -1.94 -5.02 4.15
CA PRO A 21 -3.39 -5.25 4.22
C PRO A 21 -4.08 -4.30 5.18
N THR A 22 -4.68 -3.24 4.64
CA THR A 22 -5.39 -2.25 5.44
C THR A 22 -4.50 -1.71 6.57
N PHE A 23 -3.59 -0.81 6.22
CA PHE A 23 -2.68 -0.22 7.19
C PHE A 23 -1.89 -1.30 7.94
N GLU A 1 13.67 -5.59 -5.54
CA GLU A 1 12.46 -6.31 -5.09
C GLU A 1 11.21 -5.79 -5.79
N ASN A 2 11.17 -4.49 -6.03
CA ASN A 2 10.04 -3.86 -6.70
C ASN A 2 10.37 -2.44 -7.13
N PHE A 3 9.74 -2.01 -8.23
CA PHE A 3 9.97 -0.67 -8.77
C PHE A 3 8.65 0.01 -9.10
N VAL A 4 7.61 -0.29 -8.33
CA VAL A 4 6.30 0.29 -8.56
C VAL A 4 5.60 0.61 -7.24
N GLY A 5 4.75 1.63 -7.26
CA GLY A 5 4.03 2.02 -6.06
C GLY A 5 2.52 1.88 -6.21
N GLY A 6 1.87 1.35 -5.19
CA GLY A 6 0.43 1.17 -5.23
C GLY A 6 -0.01 -0.12 -4.56
N CYS A 7 -0.81 0.00 -3.52
CA CYS A 7 -1.31 -1.17 -2.78
C CYS A 7 -2.53 -1.77 -3.48
N ALA A 8 -2.85 -3.02 -3.12
CA ALA A 8 -4.00 -3.71 -3.70
C ALA A 8 -5.31 -3.18 -3.13
N THR A 9 -6.41 -3.78 -3.57
CA THR A 9 -7.74 -3.40 -3.12
C THR A 9 -7.81 -3.30 -1.60
N GLY A 10 -7.67 -4.45 -0.94
CA GLY A 10 -7.72 -4.48 0.52
C GLY A 10 -6.39 -4.10 1.14
N PHE A 11 -5.53 -3.47 0.36
CA PHE A 11 -4.22 -3.05 0.84
C PHE A 11 -4.12 -1.54 0.90
N LYS A 12 -3.70 -1.02 2.05
CA LYS A 12 -3.56 0.41 2.24
C LYS A 12 -2.10 0.79 2.49
N ARG A 13 -1.68 1.94 1.98
CA ARG A 13 -0.31 2.40 2.14
C ARG A 13 -0.07 2.87 3.57
N THR A 14 0.91 2.26 4.23
CA THR A 14 1.26 2.61 5.60
C THR A 14 2.31 3.72 5.63
N ALA A 15 2.02 4.80 6.34
CA ALA A 15 2.95 5.92 6.44
C ALA A 15 4.07 5.61 7.41
N ASP A 16 4.24 4.32 7.72
CA ASP A 16 5.29 3.89 8.64
C ASP A 16 6.05 2.69 8.07
N GLY A 17 5.59 2.19 6.93
CA GLY A 17 6.25 1.06 6.31
C GLY A 17 6.05 1.02 4.80
N ARG A 18 5.12 0.19 4.35
CA ARG A 18 4.83 0.06 2.93
C ARG A 18 3.37 -0.34 2.70
N CYS A 19 3.09 -0.94 1.54
CA CYS A 19 1.74 -1.37 1.22
C CYS A 19 1.40 -2.69 1.91
N LYS A 20 0.48 -2.62 2.87
CA LYS A 20 0.07 -3.81 3.61
C LYS A 20 -1.45 -3.86 3.76
N PRO A 21 -2.01 -5.06 4.02
CA PRO A 21 -3.47 -5.23 4.17
C PRO A 21 -4.07 -4.23 5.15
N THR A 22 -4.75 -3.22 4.61
CA THR A 22 -5.40 -2.19 5.42
C THR A 22 -4.48 -1.70 6.55
N PHE A 23 -3.54 -0.82 6.19
CA PHE A 23 -2.60 -0.28 7.17
C PHE A 23 -1.81 -1.39 7.85
N GLU A 1 -5.81 9.02 -16.60
CA GLU A 1 -6.42 8.75 -15.27
C GLU A 1 -5.51 7.86 -14.42
N ASN A 2 -5.72 7.89 -13.11
CA ASN A 2 -4.93 7.08 -12.20
C ASN A 2 -5.67 5.81 -11.79
N PHE A 3 -5.04 4.67 -11.99
CA PHE A 3 -5.63 3.37 -11.66
C PHE A 3 -4.92 2.75 -10.46
N VAL A 4 -4.72 1.43 -10.50
CA VAL A 4 -4.05 0.73 -9.41
C VAL A 4 -2.56 0.58 -9.69
N GLY A 5 -1.76 1.50 -9.17
CA GLY A 5 -0.32 1.45 -9.37
C GLY A 5 0.45 1.41 -8.07
N GLY A 6 -0.04 0.63 -7.11
CA GLY A 6 0.62 0.52 -5.83
C GLY A 6 0.08 -0.63 -4.99
N CYS A 7 -0.67 -0.29 -3.95
CA CYS A 7 -1.24 -1.32 -3.07
C CYS A 7 -2.56 -1.83 -3.63
N ALA A 8 -2.91 -3.07 -3.26
CA ALA A 8 -4.14 -3.68 -3.73
C ALA A 8 -5.36 -3.05 -3.07
N THR A 9 -6.54 -3.51 -3.47
CA THR A 9 -7.79 -2.99 -2.93
C THR A 9 -7.80 -3.07 -1.41
N GLY A 10 -7.56 -4.27 -0.89
CA GLY A 10 -7.54 -4.47 0.56
C GLY A 10 -6.21 -4.09 1.16
N PHE A 11 -5.34 -3.50 0.35
CA PHE A 11 -4.01 -3.08 0.80
C PHE A 11 -3.89 -1.57 0.83
N LYS A 12 -3.47 -1.03 1.98
CA LYS A 12 -3.31 0.41 2.14
C LYS A 12 -1.86 0.76 2.47
N ARG A 13 -1.39 1.87 1.93
CA ARG A 13 -0.02 2.32 2.17
C ARG A 13 0.13 2.87 3.59
N THR A 14 1.00 2.23 4.38
CA THR A 14 1.24 2.66 5.75
C THR A 14 2.19 3.83 5.79
N ALA A 15 1.86 4.83 6.61
CA ALA A 15 2.68 6.02 6.74
C ALA A 15 3.95 5.73 7.54
N ASP A 16 4.25 4.45 7.74
CA ASP A 16 5.43 4.04 8.49
C ASP A 16 6.07 2.79 7.89
N GLY A 17 5.46 2.26 6.84
CA GLY A 17 5.98 1.07 6.20
C GLY A 17 5.76 1.05 4.70
N ARG A 18 4.88 0.16 4.25
CA ARG A 18 4.58 0.03 2.82
C ARG A 18 3.13 -0.41 2.62
N CYS A 19 2.86 -1.05 1.49
CA CYS A 19 1.52 -1.52 1.18
C CYS A 19 1.20 -2.83 1.92
N LYS A 20 0.44 -2.71 3.00
CA LYS A 20 0.07 -3.88 3.79
C LYS A 20 -1.46 -3.98 3.91
N PRO A 21 -1.98 -5.19 4.24
CA PRO A 21 -3.42 -5.40 4.37
C PRO A 21 -4.10 -4.33 5.22
N THR A 22 -4.67 -3.32 4.56
CA THR A 22 -5.35 -2.23 5.23
C THR A 22 -4.52 -1.67 6.38
N PHE A 23 -3.57 -0.79 6.05
CA PHE A 23 -2.70 -0.18 7.05
C PHE A 23 -1.93 -1.25 7.82
N GLU A 1 -0.17 2.87 -11.68
CA GLU A 1 -0.18 2.55 -13.13
C GLU A 1 0.72 1.36 -13.44
N ASN A 2 1.58 1.01 -12.49
CA ASN A 2 2.49 -0.12 -12.65
C ASN A 2 1.82 -1.43 -12.25
N PHE A 3 2.57 -2.51 -12.30
CA PHE A 3 2.06 -3.82 -11.94
C PHE A 3 2.95 -4.50 -10.90
N VAL A 4 3.83 -3.71 -10.29
CA VAL A 4 4.75 -4.22 -9.28
C VAL A 4 4.75 -3.33 -8.05
N GLY A 5 4.30 -2.09 -8.23
CA GLY A 5 4.25 -1.15 -7.12
C GLY A 5 2.83 -0.75 -6.77
N GLY A 6 2.66 -0.17 -5.59
CA GLY A 6 1.34 0.25 -5.14
C GLY A 6 0.64 -0.82 -4.32
N CYS A 7 -0.37 -0.40 -3.56
CA CYS A 7 -1.11 -1.32 -2.71
C CYS A 7 -2.37 -1.83 -3.42
N ALA A 8 -2.80 -3.02 -3.05
CA ALA A 8 -3.99 -3.63 -3.65
C ALA A 8 -5.27 -3.03 -3.09
N THR A 9 -6.40 -3.51 -3.57
CA THR A 9 -7.70 -3.03 -3.12
C THR A 9 -7.81 -3.05 -1.59
N GLY A 10 -7.63 -4.23 -1.01
CA GLY A 10 -7.72 -4.35 0.44
C GLY A 10 -6.43 -3.94 1.13
N PHE A 11 -5.44 -3.57 0.34
CA PHE A 11 -4.14 -3.16 0.87
C PHE A 11 -4.04 -1.63 0.93
N LYS A 12 -3.71 -1.11 2.11
CA LYS A 12 -3.58 0.34 2.28
C LYS A 12 -2.12 0.73 2.49
N ARG A 13 -1.77 1.93 2.06
CA ARG A 13 -0.39 2.42 2.20
C ARG A 13 -0.12 2.90 3.63
N THR A 14 0.86 2.28 4.27
CA THR A 14 1.22 2.65 5.63
C THR A 14 2.25 3.77 5.64
N ALA A 15 1.94 4.85 6.35
CA ALA A 15 2.86 5.98 6.44
C ALA A 15 4.02 5.70 7.38
N ASP A 16 4.31 4.42 7.59
CA ASP A 16 5.39 4.00 8.47
C ASP A 16 6.11 2.77 7.92
N GLY A 17 5.59 2.21 6.83
CA GLY A 17 6.20 1.04 6.23
C GLY A 17 6.00 0.98 4.73
N ARG A 18 4.99 0.22 4.31
CA ARG A 18 4.68 0.07 2.88
C ARG A 18 3.23 -0.34 2.69
N CYS A 19 2.93 -0.93 1.53
CA CYS A 19 1.58 -1.36 1.23
C CYS A 19 1.27 -2.70 1.89
N LYS A 20 0.42 -2.68 2.90
CA LYS A 20 0.04 -3.88 3.62
C LYS A 20 -1.48 -3.97 3.79
N PRO A 21 -2.01 -5.19 4.03
CA PRO A 21 -3.46 -5.41 4.19
C PRO A 21 -4.09 -4.42 5.18
N THR A 22 -4.67 -3.35 4.66
CA THR A 22 -5.31 -2.33 5.50
C THR A 22 -4.39 -1.87 6.61
N PHE A 23 -3.36 -1.10 6.26
CA PHE A 23 -2.40 -0.59 7.23
C PHE A 23 -1.73 -1.73 7.99
N GLU A 1 11.06 11.31 -1.05
CA GLU A 1 9.90 10.41 -1.32
C GLU A 1 9.10 10.90 -2.52
N ASN A 2 8.67 9.96 -3.36
CA ASN A 2 7.90 10.29 -4.55
C ASN A 2 6.42 9.96 -4.35
N PHE A 3 5.57 10.49 -5.23
CA PHE A 3 4.14 10.25 -5.15
C PHE A 3 3.72 9.15 -6.12
N VAL A 4 3.70 7.91 -5.63
CA VAL A 4 3.30 6.77 -6.45
C VAL A 4 2.48 5.77 -5.65
N GLY A 5 1.95 4.76 -6.33
CA GLY A 5 1.16 3.74 -5.66
C GLY A 5 1.48 2.34 -6.15
N GLY A 6 0.91 1.34 -5.47
CA GLY A 6 1.15 -0.03 -5.85
C GLY A 6 0.47 -1.03 -4.93
N CYS A 7 -0.34 -0.51 -4.01
CA CYS A 7 -1.06 -1.35 -3.06
C CYS A 7 -2.33 -1.93 -3.70
N ALA A 8 -2.80 -3.04 -3.14
CA ALA A 8 -4.01 -3.70 -3.64
C ALA A 8 -5.27 -3.07 -3.06
N THR A 9 -6.42 -3.56 -3.50
CA THR A 9 -7.71 -3.07 -3.03
C THR A 9 -7.79 -3.09 -1.50
N GLY A 10 -7.52 -4.26 -0.92
CA GLY A 10 -7.58 -4.39 0.53
C GLY A 10 -6.27 -4.01 1.19
N PHE A 11 -5.33 -3.51 0.39
CA PHE A 11 -4.02 -3.11 0.90
C PHE A 11 -3.91 -1.59 0.98
N LYS A 12 -3.69 -1.08 2.19
CA LYS A 12 -3.57 0.35 2.42
C LYS A 12 -2.10 0.75 2.64
N ARG A 13 -1.75 1.94 2.18
CA ARG A 13 -0.38 2.44 2.33
C ARG A 13 -0.12 2.93 3.75
N THR A 14 0.88 2.35 4.38
CA THR A 14 1.23 2.73 5.75
C THR A 14 2.28 3.85 5.75
N ALA A 15 2.01 4.91 6.51
CA ALA A 15 2.94 6.03 6.60
C ALA A 15 4.16 5.67 7.43
N ASP A 16 4.33 4.37 7.71
CA ASP A 16 5.46 3.90 8.49
C ASP A 16 6.09 2.68 7.85
N GLY A 17 5.42 2.11 6.85
CA GLY A 17 5.94 0.94 6.17
C GLY A 17 5.74 0.98 4.67
N ARG A 18 4.80 0.17 4.18
CA ARG A 18 4.52 0.10 2.75
C ARG A 18 3.08 -0.34 2.52
N CYS A 19 2.82 -1.01 1.39
CA CYS A 19 1.47 -1.47 1.08
C CYS A 19 1.15 -2.74 1.85
N LYS A 20 0.49 -2.58 2.99
CA LYS A 20 0.11 -3.71 3.83
C LYS A 20 -1.41 -3.87 3.86
N PRO A 21 -1.91 -5.09 4.18
CA PRO A 21 -3.35 -5.35 4.24
C PRO A 21 -4.10 -4.36 5.13
N THR A 22 -4.63 -3.31 4.50
CA THR A 22 -5.38 -2.28 5.23
C THR A 22 -4.59 -1.78 6.44
N PHE A 23 -3.57 -0.97 6.18
CA PHE A 23 -2.74 -0.42 7.24
C PHE A 23 -2.18 -1.52 8.14
N GLU A 1 5.63 7.55 -15.83
CA GLU A 1 6.60 6.57 -15.29
C GLU A 1 6.07 5.87 -14.06
N ASN A 2 6.55 4.67 -13.80
CA ASN A 2 6.12 3.90 -12.64
C ASN A 2 7.30 3.27 -11.93
N PHE A 3 7.02 2.54 -10.84
CA PHE A 3 8.06 1.88 -10.06
C PHE A 3 7.55 0.56 -9.50
N VAL A 4 8.11 0.15 -8.37
CA VAL A 4 7.71 -1.11 -7.74
C VAL A 4 7.00 -0.83 -6.40
N GLY A 5 6.10 0.15 -6.41
CA GLY A 5 5.36 0.49 -5.21
C GLY A 5 3.89 0.72 -5.48
N GLY A 6 3.06 -0.22 -5.03
CA GLY A 6 1.63 -0.11 -5.22
C GLY A 6 0.85 -1.13 -4.43
N CYS A 7 -0.19 -0.67 -3.73
CA CYS A 7 -1.01 -1.56 -2.93
C CYS A 7 -2.37 -1.82 -3.60
N ALA A 8 -3.01 -2.91 -3.22
CA ALA A 8 -4.30 -3.29 -3.78
C ALA A 8 -5.45 -2.68 -2.98
N THR A 9 -6.67 -2.97 -3.41
CA THR A 9 -7.86 -2.45 -2.74
C THR A 9 -7.83 -2.77 -1.25
N GLY A 10 -7.59 -4.03 -0.91
CA GLY A 10 -7.54 -4.43 0.48
C GLY A 10 -6.21 -4.09 1.13
N PHE A 11 -5.28 -3.58 0.33
CA PHE A 11 -3.96 -3.20 0.83
C PHE A 11 -3.82 -1.69 0.94
N LYS A 12 -3.70 -1.19 2.16
CA LYS A 12 -3.56 0.24 2.38
C LYS A 12 -2.10 0.62 2.60
N ARG A 13 -1.68 1.69 1.94
CA ARG A 13 -0.29 2.16 2.05
C ARG A 13 -0.04 2.75 3.44
N THR A 14 0.82 2.07 4.21
CA THR A 14 1.15 2.52 5.55
C THR A 14 2.18 3.65 5.52
N ALA A 15 1.80 4.77 6.13
CA ALA A 15 2.67 5.94 6.17
C ALA A 15 3.84 5.72 7.13
N ASP A 16 4.02 4.47 7.56
CA ASP A 16 5.10 4.13 8.49
C ASP A 16 5.90 2.93 7.98
N GLY A 17 5.44 2.33 6.89
CA GLY A 17 6.12 1.18 6.34
C GLY A 17 5.97 1.07 4.83
N ARG A 18 5.08 0.19 4.39
CA ARG A 18 4.84 -0.02 2.96
C ARG A 18 3.39 -0.43 2.72
N CYS A 19 3.14 -1.09 1.59
CA CYS A 19 1.79 -1.54 1.25
C CYS A 19 1.44 -2.80 2.02
N LYS A 20 0.57 -2.65 3.02
CA LYS A 20 0.14 -3.77 3.84
C LYS A 20 -1.38 -3.91 3.82
N PRO A 21 -1.90 -5.12 4.11
CA PRO A 21 -3.35 -5.36 4.13
C PRO A 21 -4.07 -4.47 5.13
N THR A 22 -4.72 -3.43 4.62
CA THR A 22 -5.46 -2.49 5.46
C THR A 22 -4.58 -1.97 6.60
N PHE A 23 -3.57 -1.18 6.25
CA PHE A 23 -2.65 -0.61 7.24
C PHE A 23 -2.04 -1.71 8.10
N GLU A 1 5.16 3.24 -16.65
CA GLU A 1 6.03 3.80 -17.72
C GLU A 1 7.51 3.73 -17.31
N ASN A 2 7.77 3.82 -16.02
CA ASN A 2 9.15 3.76 -15.52
C ASN A 2 9.16 3.53 -14.01
N PHE A 3 8.18 4.10 -13.31
CA PHE A 3 8.09 3.96 -11.87
C PHE A 3 6.63 4.04 -11.41
N VAL A 4 6.18 3.02 -10.69
CA VAL A 4 4.81 2.98 -10.19
C VAL A 4 4.70 2.10 -8.96
N GLY A 5 3.80 2.47 -8.06
CA GLY A 5 3.60 1.71 -6.84
C GLY A 5 2.14 1.48 -6.53
N GLY A 6 1.73 1.83 -5.31
CA GLY A 6 0.35 1.66 -4.91
C GLY A 6 0.10 0.33 -4.22
N CYS A 7 -1.09 0.17 -3.67
CA CYS A 7 -1.46 -1.07 -2.99
C CYS A 7 -2.75 -1.64 -3.56
N ALA A 8 -2.96 -2.94 -3.34
CA ALA A 8 -4.16 -3.61 -3.83
C ALA A 8 -5.42 -3.07 -3.16
N THR A 9 -6.56 -3.60 -3.55
CA THR A 9 -7.85 -3.18 -3.00
C THR A 9 -7.84 -3.27 -1.48
N GLY A 10 -7.57 -4.45 -0.96
CA GLY A 10 -7.53 -4.65 0.49
C GLY A 10 -6.21 -4.20 1.08
N PHE A 11 -5.31 -3.73 0.24
CA PHE A 11 -4.00 -3.26 0.69
C PHE A 11 -3.96 -1.75 0.78
N LYS A 12 -3.50 -1.23 1.92
CA LYS A 12 -3.40 0.21 2.13
C LYS A 12 -1.96 0.62 2.37
N ARG A 13 -1.60 1.82 1.91
CA ARG A 13 -0.24 2.32 2.08
C ARG A 13 -0.02 2.85 3.50
N THR A 14 0.90 2.21 4.21
CA THR A 14 1.22 2.61 5.58
C THR A 14 2.34 3.65 5.60
N ALA A 15 2.06 4.81 6.21
CA ALA A 15 3.05 5.88 6.29
C ALA A 15 4.14 5.53 7.29
N ASP A 16 4.18 4.27 7.72
CA ASP A 16 5.18 3.82 8.68
C ASP A 16 5.99 2.66 8.10
N GLY A 17 5.54 2.13 6.97
CA GLY A 17 6.25 1.01 6.35
C GLY A 17 6.03 0.95 4.85
N ARG A 18 5.05 0.18 4.43
CA ARG A 18 4.74 0.03 3.00
C ARG A 18 3.27 -0.32 2.80
N CYS A 19 2.95 -0.92 1.66
CA CYS A 19 1.57 -1.29 1.35
C CYS A 19 1.18 -2.58 2.07
N LYS A 20 0.60 -2.43 3.26
CA LYS A 20 0.18 -3.57 4.06
C LYS A 20 -1.34 -3.69 4.06
N PRO A 21 -1.88 -4.91 4.23
CA PRO A 21 -3.33 -5.14 4.24
C PRO A 21 -4.07 -4.17 5.16
N THR A 22 -4.71 -3.17 4.55
CA THR A 22 -5.47 -2.17 5.29
C THR A 22 -4.70 -1.67 6.51
N PHE A 23 -3.63 -0.90 6.26
CA PHE A 23 -2.81 -0.35 7.33
C PHE A 23 -2.27 -1.47 8.23
N GLU A 1 -11.10 0.69 -6.88
CA GLU A 1 -12.04 1.83 -6.94
C GLU A 1 -11.37 3.13 -6.49
N ASN A 2 -10.25 3.00 -5.80
CA ASN A 2 -9.51 4.16 -5.31
C ASN A 2 -8.06 4.13 -5.79
N PHE A 3 -7.39 5.26 -5.71
CA PHE A 3 -6.00 5.36 -6.15
C PHE A 3 -5.23 6.37 -5.29
N VAL A 4 -4.35 5.86 -4.43
CA VAL A 4 -3.56 6.71 -3.55
C VAL A 4 -2.11 6.27 -3.52
N GLY A 5 -1.87 4.99 -3.81
CA GLY A 5 -0.51 4.46 -3.81
C GLY A 5 -0.35 3.31 -4.78
N GLY A 6 0.46 2.33 -4.39
CA GLY A 6 0.71 1.18 -5.24
C GLY A 6 0.16 -0.11 -4.64
N CYS A 7 -0.73 0.03 -3.66
CA CYS A 7 -1.33 -1.12 -3.00
C CYS A 7 -2.65 -1.51 -3.67
N ALA A 8 -3.08 -2.75 -3.43
CA ALA A 8 -4.32 -3.26 -4.00
C ALA A 8 -5.53 -2.81 -3.18
N THR A 9 -6.70 -3.28 -3.58
CA THR A 9 -7.95 -2.95 -2.90
C THR A 9 -7.86 -3.22 -1.40
N GLY A 10 -7.51 -4.46 -1.05
CA GLY A 10 -7.41 -4.82 0.35
C GLY A 10 -6.09 -4.37 0.98
N PHE A 11 -5.22 -3.78 0.16
CA PHE A 11 -3.94 -3.31 0.65
C PHE A 11 -3.93 -1.79 0.80
N LYS A 12 -3.47 -1.32 1.95
CA LYS A 12 -3.41 0.11 2.22
C LYS A 12 -1.96 0.57 2.44
N ARG A 13 -1.64 1.77 1.99
CA ARG A 13 -0.30 2.31 2.13
C ARG A 13 -0.08 2.86 3.54
N THR A 14 0.94 2.34 4.21
CA THR A 14 1.27 2.77 5.57
C THR A 14 2.38 3.82 5.56
N ALA A 15 2.10 4.97 6.16
CA ALA A 15 3.07 6.05 6.23
C ALA A 15 4.22 5.73 7.18
N ASP A 16 4.29 4.48 7.61
CA ASP A 16 5.34 4.05 8.53
C ASP A 16 6.07 2.82 7.99
N GLY A 17 5.46 2.15 7.02
CA GLY A 17 6.08 0.97 6.44
C GLY A 17 5.90 0.90 4.92
N ARG A 18 4.91 0.13 4.48
CA ARG A 18 4.64 -0.03 3.07
C ARG A 18 3.19 -0.43 2.83
N CYS A 19 2.92 -1.09 1.70
CA CYS A 19 1.57 -1.51 1.37
C CYS A 19 1.19 -2.78 2.12
N LYS A 20 0.56 -2.61 3.29
CA LYS A 20 0.14 -3.75 4.10
C LYS A 20 -1.38 -3.85 4.13
N PRO A 21 -1.92 -5.08 4.29
CA PRO A 21 -3.37 -5.31 4.33
C PRO A 21 -4.09 -4.31 5.23
N THR A 22 -4.71 -3.31 4.60
CA THR A 22 -5.45 -2.28 5.33
C THR A 22 -4.63 -1.73 6.51
N PHE A 23 -3.52 -1.09 6.20
CA PHE A 23 -2.65 -0.52 7.23
C PHE A 23 -2.20 -1.60 8.22
N GLU A 1 -5.40 -4.87 -12.59
CA GLU A 1 -4.92 -4.41 -13.93
C GLU A 1 -4.81 -2.90 -13.98
N ASN A 2 -5.77 -2.21 -13.37
CA ASN A 2 -5.77 -0.75 -13.36
C ASN A 2 -4.99 -0.22 -12.16
N PHE A 3 -3.83 -0.83 -11.92
CA PHE A 3 -2.97 -0.41 -10.80
C PHE A 3 -1.50 -0.73 -11.11
N VAL A 4 -0.68 0.31 -11.11
CA VAL A 4 0.75 0.14 -11.38
C VAL A 4 1.60 0.57 -10.19
N GLY A 5 1.19 1.67 -9.54
CA GLY A 5 1.91 2.16 -8.39
C GLY A 5 1.02 2.34 -7.18
N GLY A 6 1.32 1.62 -6.11
CA GLY A 6 0.53 1.73 -4.89
C GLY A 6 0.15 0.37 -4.33
N CYS A 7 -0.92 0.35 -3.54
CA CYS A 7 -1.39 -0.88 -2.93
C CYS A 7 -2.60 -1.44 -3.66
N ALA A 8 -3.05 -2.62 -3.25
CA ALA A 8 -4.20 -3.26 -3.87
C ALA A 8 -5.49 -2.83 -3.20
N THR A 9 -6.60 -3.40 -3.67
CA THR A 9 -7.92 -3.08 -3.12
C THR A 9 -7.97 -3.23 -1.61
N GLY A 10 -7.48 -4.38 -1.12
CA GLY A 10 -7.48 -4.62 0.30
C GLY A 10 -6.18 -4.21 0.98
N PHE A 11 -5.27 -3.65 0.19
CA PHE A 11 -3.97 -3.22 0.71
C PHE A 11 -3.92 -1.70 0.83
N LYS A 12 -3.34 -1.21 1.93
CA LYS A 12 -3.22 0.22 2.16
C LYS A 12 -1.78 0.59 2.50
N ARG A 13 -1.32 1.73 1.99
CA ARG A 13 0.03 2.20 2.25
C ARG A 13 0.16 2.77 3.65
N THR A 14 1.12 2.24 4.40
CA THR A 14 1.36 2.70 5.77
C THR A 14 2.24 3.95 5.77
N ALA A 15 1.85 4.94 6.57
CA ALA A 15 2.60 6.19 6.66
C ALA A 15 3.97 5.98 7.28
N ASP A 16 4.33 4.73 7.56
CA ASP A 16 5.62 4.42 8.15
C ASP A 16 6.13 3.05 7.69
N GLY A 17 5.38 2.41 6.81
CA GLY A 17 5.78 1.11 6.31
C GLY A 17 5.66 0.98 4.81
N ARG A 18 4.86 0.01 4.35
CA ARG A 18 4.66 -0.22 2.93
C ARG A 18 3.22 -0.68 2.66
N CYS A 19 3.05 -1.49 1.62
CA CYS A 19 1.73 -2.00 1.26
C CYS A 19 1.35 -3.20 2.12
N LYS A 20 0.47 -2.97 3.09
CA LYS A 20 0.02 -4.04 3.98
C LYS A 20 -1.50 -4.07 4.06
N PRO A 21 -2.10 -5.24 4.34
CA PRO A 21 -3.55 -5.40 4.44
C PRO A 21 -4.19 -4.34 5.33
N THR A 22 -4.74 -3.30 4.72
CA THR A 22 -5.39 -2.22 5.45
C THR A 22 -4.47 -1.68 6.54
N PHE A 23 -3.44 -0.93 6.13
CA PHE A 23 -2.48 -0.35 7.07
C PHE A 23 -1.83 -1.43 7.92
N GLU A 1 11.45 -8.20 -4.40
CA GLU A 1 10.24 -8.65 -3.70
C GLU A 1 8.99 -8.49 -4.58
N ASN A 2 8.60 -7.24 -4.81
CA ASN A 2 7.43 -6.96 -5.64
C ASN A 2 7.82 -6.13 -6.87
N PHE A 3 6.88 -5.98 -7.78
CA PHE A 3 7.12 -5.21 -9.01
C PHE A 3 6.02 -4.17 -9.22
N VAL A 4 5.22 -3.94 -8.18
CA VAL A 4 4.13 -2.97 -8.26
C VAL A 4 4.51 -1.65 -7.59
N GLY A 5 3.84 -0.58 -7.98
CA GLY A 5 4.11 0.73 -7.41
C GLY A 5 3.00 1.21 -6.50
N GLY A 6 2.00 0.35 -6.29
CA GLY A 6 0.88 0.70 -5.44
C GLY A 6 0.37 -0.48 -4.64
N CYS A 7 -0.62 -0.23 -3.78
CA CYS A 7 -1.19 -1.28 -2.96
C CYS A 7 -2.45 -1.86 -3.59
N ALA A 8 -2.82 -3.06 -3.16
CA ALA A 8 -4.00 -3.73 -3.69
C ALA A 8 -5.27 -3.09 -3.15
N THR A 9 -6.42 -3.61 -3.59
CA THR A 9 -7.72 -3.10 -3.16
C THR A 9 -7.79 -2.97 -1.64
N GLY A 10 -7.73 -4.11 -0.95
CA GLY A 10 -7.78 -4.11 0.49
C GLY A 10 -6.45 -3.78 1.13
N PHE A 11 -5.47 -3.45 0.29
CA PHE A 11 -4.14 -3.10 0.78
C PHE A 11 -3.96 -1.59 0.88
N LYS A 12 -3.53 -1.13 2.05
CA LYS A 12 -3.32 0.30 2.26
C LYS A 12 -1.87 0.58 2.65
N ARG A 13 -1.33 1.68 2.13
CA ARG A 13 0.05 2.05 2.41
C ARG A 13 0.18 2.63 3.82
N THR A 14 1.15 2.13 4.58
CA THR A 14 1.37 2.59 5.94
C THR A 14 2.16 3.90 5.96
N ALA A 15 1.78 4.79 6.87
CA ALA A 15 2.44 6.10 6.98
C ALA A 15 3.87 5.97 7.50
N ASP A 16 4.35 4.73 7.60
CA ASP A 16 5.71 4.49 8.08
C ASP A 16 6.23 3.13 7.59
N GLY A 17 5.50 2.51 6.68
CA GLY A 17 5.91 1.22 6.15
C GLY A 17 5.70 1.11 4.65
N ARG A 18 4.91 0.12 4.25
CA ARG A 18 4.62 -0.10 2.83
C ARG A 18 3.18 -0.54 2.63
N CYS A 19 2.91 -1.16 1.48
CA CYS A 19 1.56 -1.63 1.17
C CYS A 19 1.25 -2.95 1.87
N LYS A 20 0.34 -2.89 2.83
CA LYS A 20 -0.05 -4.08 3.58
C LYS A 20 -1.57 -4.10 3.78
N PRO A 21 -2.15 -5.29 4.04
CA PRO A 21 -3.60 -5.43 4.26
C PRO A 21 -4.17 -4.37 5.19
N THR A 22 -4.66 -3.28 4.60
CA THR A 22 -5.23 -2.17 5.35
C THR A 22 -4.33 -1.78 6.52
N PHE A 23 -3.27 -1.03 6.22
CA PHE A 23 -2.32 -0.58 7.24
C PHE A 23 -1.72 -1.76 7.99
N GLU A 1 8.15 9.91 -10.90
CA GLU A 1 9.28 8.96 -10.70
C GLU A 1 8.97 7.59 -11.29
N ASN A 2 8.04 7.55 -12.24
CA ASN A 2 7.65 6.32 -12.90
C ASN A 2 7.20 5.27 -11.86
N PHE A 3 6.39 5.72 -10.90
CA PHE A 3 5.89 4.83 -9.86
C PHE A 3 4.40 4.56 -10.05
N VAL A 4 4.08 3.42 -10.64
CA VAL A 4 2.69 3.04 -10.89
C VAL A 4 2.32 1.77 -10.13
N GLY A 5 3.11 1.44 -9.11
CA GLY A 5 2.86 0.25 -8.33
C GLY A 5 2.30 0.57 -6.95
N GLY A 6 0.99 0.80 -6.90
CA GLY A 6 0.34 1.12 -5.63
C GLY A 6 -0.05 -0.11 -4.85
N CYS A 7 -0.95 0.06 -3.88
CA CYS A 7 -1.41 -1.05 -3.06
C CYS A 7 -2.57 -1.78 -3.72
N ALA A 8 -2.85 -2.99 -3.24
CA ALA A 8 -3.93 -3.80 -3.76
C ALA A 8 -5.28 -3.36 -3.21
N THR A 9 -6.32 -4.07 -3.61
CA THR A 9 -7.69 -3.77 -3.17
C THR A 9 -7.74 -3.51 -1.67
N GLY A 10 -7.55 -4.56 -0.88
CA GLY A 10 -7.58 -4.43 0.56
C GLY A 10 -6.21 -4.09 1.14
N PHE A 11 -5.44 -3.33 0.38
CA PHE A 11 -4.11 -2.92 0.81
C PHE A 11 -3.99 -1.40 0.88
N LYS A 12 -3.40 -0.90 1.97
CA LYS A 12 -3.23 0.53 2.15
C LYS A 12 -1.80 0.85 2.56
N ARG A 13 -1.23 1.90 1.98
CA ARG A 13 0.13 2.30 2.29
C ARG A 13 0.23 2.83 3.72
N THR A 14 1.16 2.26 4.48
CA THR A 14 1.37 2.66 5.87
C THR A 14 2.27 3.89 5.95
N ALA A 15 1.95 4.79 6.87
CA ALA A 15 2.73 6.01 7.06
C ALA A 15 4.06 5.71 7.71
N ASP A 16 4.42 4.42 7.79
CA ASP A 16 5.69 4.01 8.39
C ASP A 16 6.19 2.71 7.78
N GLY A 17 5.50 2.24 6.75
CA GLY A 17 5.91 1.00 6.11
C GLY A 17 5.64 1.00 4.61
N ARG A 18 4.78 0.09 4.16
CA ARG A 18 4.44 -0.02 2.74
C ARG A 18 2.98 -0.41 2.56
N CYS A 19 2.68 -1.01 1.41
CA CYS A 19 1.32 -1.43 1.12
C CYS A 19 0.98 -2.74 1.83
N LYS A 20 0.34 -2.63 2.99
CA LYS A 20 -0.03 -3.80 3.78
C LYS A 20 -1.55 -3.89 3.91
N PRO A 21 -2.09 -5.08 4.22
CA PRO A 21 -3.53 -5.29 4.37
C PRO A 21 -4.19 -4.22 5.24
N THR A 22 -4.71 -3.17 4.59
CA THR A 22 -5.36 -2.07 5.29
C THR A 22 -4.49 -1.51 6.41
N PHE A 23 -3.50 -0.71 6.03
CA PHE A 23 -2.58 -0.09 6.99
C PHE A 23 -1.92 -1.16 7.85
N GLU A 1 -10.30 7.40 -11.23
CA GLU A 1 -10.52 8.87 -11.07
C GLU A 1 -9.53 9.48 -10.07
N ASN A 2 -8.42 8.78 -9.85
CA ASN A 2 -7.39 9.25 -8.93
C ASN A 2 -6.00 8.87 -9.41
N PHE A 3 -5.00 9.65 -9.01
CA PHE A 3 -3.62 9.39 -9.40
C PHE A 3 -2.83 8.77 -8.25
N VAL A 4 -3.53 7.98 -7.44
CA VAL A 4 -2.89 7.33 -6.29
C VAL A 4 -3.06 5.81 -6.37
N GLY A 5 -1.97 5.09 -6.14
CA GLY A 5 -2.02 3.64 -6.19
C GLY A 5 -0.89 2.99 -5.43
N GLY A 6 -0.47 1.81 -5.89
CA GLY A 6 0.62 1.10 -5.23
C GLY A 6 0.15 -0.18 -4.58
N CYS A 7 -0.82 -0.07 -3.69
CA CYS A 7 -1.35 -1.23 -2.98
C CYS A 7 -2.68 -1.68 -3.60
N ALA A 8 -3.05 -2.93 -3.35
CA ALA A 8 -4.29 -3.49 -3.87
C ALA A 8 -5.50 -2.91 -3.13
N THR A 9 -6.68 -3.36 -3.54
CA THR A 9 -7.92 -2.90 -2.93
C THR A 9 -7.91 -3.11 -1.42
N GLY A 10 -7.58 -4.33 -1.00
CA GLY A 10 -7.53 -4.63 0.42
C GLY A 10 -6.23 -4.22 1.06
N PHE A 11 -5.30 -3.71 0.24
CA PHE A 11 -4.01 -3.26 0.73
C PHE A 11 -3.94 -1.74 0.79
N LYS A 12 -3.47 -1.22 1.92
CA LYS A 12 -3.36 0.22 2.10
C LYS A 12 -1.94 0.63 2.46
N ARG A 13 -1.48 1.72 1.87
CA ARG A 13 -0.13 2.21 2.12
C ARG A 13 0.00 2.74 3.54
N THR A 14 1.08 2.36 4.21
CA THR A 14 1.33 2.80 5.58
C THR A 14 2.43 3.84 5.62
N ALA A 15 2.12 5.00 6.19
CA ALA A 15 3.09 6.09 6.29
C ALA A 15 4.23 5.72 7.23
N ASP A 16 4.23 4.49 7.72
CA ASP A 16 5.27 4.01 8.63
C ASP A 16 6.07 2.88 7.99
N GLY A 17 5.44 2.15 7.08
CA GLY A 17 6.10 1.04 6.42
C GLY A 17 5.88 1.02 4.93
N ARG A 18 4.93 0.20 4.48
CA ARG A 18 4.61 0.09 3.06
C ARG A 18 3.15 -0.33 2.86
N CYS A 19 2.88 -0.95 1.71
CA CYS A 19 1.53 -1.39 1.39
C CYS A 19 1.21 -2.71 2.08
N LYS A 20 0.51 -2.62 3.21
CA LYS A 20 0.12 -3.79 3.98
C LYS A 20 -1.40 -3.94 4.00
N PRO A 21 -1.91 -5.17 4.22
CA PRO A 21 -3.35 -5.44 4.25
C PRO A 21 -4.10 -4.45 5.14
N THR A 22 -4.66 -3.42 4.51
CA THR A 22 -5.41 -2.38 5.22
C THR A 22 -4.61 -1.82 6.39
N PHE A 23 -3.66 -0.94 6.07
CA PHE A 23 -2.80 -0.31 7.07
C PHE A 23 -2.08 -1.37 7.91
N GLU A 1 8.13 4.50 -15.95
CA GLU A 1 8.54 3.75 -14.72
C GLU A 1 7.34 3.09 -14.06
N ASN A 2 7.59 2.38 -12.96
CA ASN A 2 6.53 1.69 -12.23
C ASN A 2 5.98 2.59 -11.11
N PHE A 3 5.27 3.63 -11.50
CA PHE A 3 4.68 4.57 -10.55
C PHE A 3 3.19 4.75 -10.80
N VAL A 4 2.58 3.77 -11.45
CA VAL A 4 1.16 3.82 -11.76
C VAL A 4 0.38 2.80 -10.94
N GLY A 5 1.11 2.05 -10.10
CA GLY A 5 0.48 1.05 -9.26
C GLY A 5 0.69 1.31 -7.79
N GLY A 6 0.88 0.25 -7.01
CA GLY A 6 1.11 0.39 -5.59
C GLY A 6 0.46 -0.72 -4.77
N CYS A 7 -0.41 -0.35 -3.86
CA CYS A 7 -1.09 -1.32 -3.01
C CYS A 7 -2.38 -1.82 -3.66
N ALA A 8 -2.87 -2.95 -3.17
CA ALA A 8 -4.10 -3.54 -3.70
C ALA A 8 -5.34 -2.92 -3.07
N THR A 9 -6.50 -3.35 -3.52
CA THR A 9 -7.77 -2.83 -3.00
C THR A 9 -7.84 -2.98 -1.48
N GLY A 10 -7.50 -4.16 -0.99
CA GLY A 10 -7.54 -4.41 0.44
C GLY A 10 -6.24 -4.00 1.13
N PHE A 11 -5.26 -3.61 0.33
CA PHE A 11 -3.96 -3.19 0.87
C PHE A 11 -3.87 -1.67 0.94
N LYS A 12 -3.62 -1.15 2.14
CA LYS A 12 -3.51 0.29 2.33
C LYS A 12 -2.06 0.70 2.53
N ARG A 13 -1.72 1.88 2.01
CA ARG A 13 -0.36 2.40 2.12
C ARG A 13 -0.09 2.93 3.52
N THR A 14 0.80 2.27 4.23
CA THR A 14 1.15 2.67 5.59
C THR A 14 2.23 3.76 5.57
N ALA A 15 1.96 4.86 6.26
CA ALA A 15 2.90 5.97 6.32
C ALA A 15 4.05 5.66 7.26
N ASP A 16 4.22 4.39 7.61
CA ASP A 16 5.28 3.96 8.50
C ASP A 16 6.00 2.73 7.96
N GLY A 17 5.46 2.16 6.89
CA GLY A 17 6.06 0.99 6.29
C GLY A 17 5.88 0.94 4.77
N ARG A 18 4.90 0.16 4.33
CA ARG A 18 4.62 0.03 2.90
C ARG A 18 3.16 -0.38 2.68
N CYS A 19 2.89 -1.00 1.54
CA CYS A 19 1.53 -1.44 1.21
C CYS A 19 1.19 -2.74 1.93
N LYS A 20 0.52 -2.61 3.07
CA LYS A 20 0.12 -3.77 3.87
C LYS A 20 -1.39 -3.90 3.90
N PRO A 21 -1.91 -5.12 4.18
CA PRO A 21 -3.35 -5.35 4.24
C PRO A 21 -4.04 -4.44 5.24
N THR A 22 -4.69 -3.39 4.72
CA THR A 22 -5.39 -2.42 5.54
C THR A 22 -4.50 -1.91 6.68
N PHE A 23 -3.57 -1.03 6.34
CA PHE A 23 -2.65 -0.46 7.32
C PHE A 23 -1.92 -1.55 8.08
N GLU A 1 -0.36 4.01 -10.49
CA GLU A 1 0.66 4.15 -9.43
C GLU A 1 1.42 5.48 -9.59
N ASN A 2 1.81 6.05 -8.45
CA ASN A 2 2.54 7.31 -8.45
C ASN A 2 3.96 7.14 -7.90
N PHE A 3 4.23 5.96 -7.34
CA PHE A 3 5.53 5.67 -6.77
C PHE A 3 6.09 4.37 -7.34
N VAL A 4 7.02 3.76 -6.62
CA VAL A 4 7.64 2.51 -7.05
C VAL A 4 6.84 1.31 -6.52
N GLY A 5 6.10 1.53 -5.45
CA GLY A 5 5.31 0.47 -4.86
C GLY A 5 3.88 0.46 -5.38
N GLY A 6 3.09 -0.52 -4.94
CA GLY A 6 1.71 -0.61 -5.38
C GLY A 6 0.88 -1.48 -4.46
N CYS A 7 -0.09 -0.87 -3.79
CA CYS A 7 -0.96 -1.59 -2.88
C CYS A 7 -2.28 -1.94 -3.57
N ALA A 8 -2.89 -3.04 -3.14
CA ALA A 8 -4.14 -3.50 -3.72
C ALA A 8 -5.34 -2.85 -3.03
N THR A 9 -6.53 -3.19 -3.49
CA THR A 9 -7.77 -2.64 -2.94
C THR A 9 -7.81 -2.81 -1.43
N GLY A 10 -7.67 -4.04 -0.97
CA GLY A 10 -7.69 -4.33 0.46
C GLY A 10 -6.36 -4.01 1.13
N PHE A 11 -5.39 -3.56 0.34
CA PHE A 11 -4.08 -3.22 0.87
C PHE A 11 -3.89 -1.71 0.96
N LYS A 12 -3.78 -1.21 2.19
CA LYS A 12 -3.60 0.22 2.41
C LYS A 12 -2.13 0.55 2.70
N ARG A 13 -1.67 1.66 2.15
CA ARG A 13 -0.28 2.10 2.35
C ARG A 13 -0.09 2.64 3.75
N THR A 14 0.96 2.19 4.42
CA THR A 14 1.26 2.64 5.77
C THR A 14 2.20 3.84 5.75
N ALA A 15 1.86 4.87 6.51
CA ALA A 15 2.66 6.08 6.57
C ALA A 15 3.95 5.86 7.35
N ASP A 16 4.26 4.58 7.62
CA ASP A 16 5.47 4.23 8.36
C ASP A 16 6.10 2.96 7.80
N GLY A 17 5.44 2.36 6.82
CA GLY A 17 5.96 1.14 6.22
C GLY A 17 5.79 1.10 4.72
N ARG A 18 4.96 0.19 4.25
CA ARG A 18 4.70 0.03 2.81
C ARG A 18 3.26 -0.40 2.56
N CYS A 19 3.03 -1.07 1.43
CA CYS A 19 1.69 -1.55 1.08
C CYS A 19 1.35 -2.83 1.83
N LYS A 20 0.48 -2.71 2.83
CA LYS A 20 0.07 -3.85 3.63
C LYS A 20 -1.46 -3.93 3.71
N PRO A 21 -2.00 -5.13 3.99
CA PRO A 21 -3.46 -5.33 4.08
C PRO A 21 -4.08 -4.38 5.11
N THR A 22 -4.70 -3.31 4.60
CA THR A 22 -5.34 -2.31 5.45
C THR A 22 -4.42 -1.88 6.58
N PHE A 23 -3.44 -1.05 6.26
CA PHE A 23 -2.48 -0.57 7.25
C PHE A 23 -1.78 -1.74 7.95
N GLU A 1 2.20 -8.74 -10.40
CA GLU A 1 1.19 -8.76 -9.31
C GLU A 1 1.60 -7.82 -8.17
N ASN A 2 2.34 -6.78 -8.50
CA ASN A 2 2.81 -5.82 -7.51
C ASN A 2 2.86 -4.41 -8.10
N PHE A 3 2.83 -3.40 -7.22
CA PHE A 3 2.87 -2.02 -7.66
C PHE A 3 3.78 -1.20 -6.75
N VAL A 4 4.79 -0.58 -7.34
CA VAL A 4 5.74 0.23 -6.59
C VAL A 4 5.22 1.64 -6.37
N GLY A 5 3.90 1.78 -6.27
CA GLY A 5 3.30 3.08 -6.06
C GLY A 5 1.90 3.00 -5.47
N GLY A 6 1.30 1.82 -5.53
CA GLY A 6 -0.04 1.64 -4.98
C GLY A 6 -0.27 0.24 -4.43
N CYS A 7 -1.17 0.15 -3.46
CA CYS A 7 -1.50 -1.12 -2.84
C CYS A 7 -2.79 -1.69 -3.42
N ALA A 8 -2.99 -2.99 -3.26
CA ALA A 8 -4.19 -3.66 -3.77
C ALA A 8 -5.45 -3.12 -3.11
N THR A 9 -6.59 -3.65 -3.53
CA THR A 9 -7.89 -3.24 -2.98
C THR A 9 -7.87 -3.27 -1.46
N GLY A 10 -7.69 -4.46 -0.89
CA GLY A 10 -7.65 -4.60 0.56
C GLY A 10 -6.29 -4.24 1.13
N PHE A 11 -5.48 -3.54 0.34
CA PHE A 11 -4.15 -3.14 0.77
C PHE A 11 -4.03 -1.62 0.80
N LYS A 12 -3.51 -1.08 1.91
CA LYS A 12 -3.34 0.35 2.07
C LYS A 12 -1.89 0.68 2.39
N ARG A 13 -1.40 1.81 1.89
CA ARG A 13 -0.03 2.23 2.13
C ARG A 13 0.12 2.79 3.54
N THR A 14 1.03 2.20 4.32
CA THR A 14 1.28 2.65 5.68
C THR A 14 2.26 3.82 5.71
N ALA A 15 1.92 4.85 6.46
CA ALA A 15 2.77 6.03 6.57
C ALA A 15 3.98 5.76 7.47
N ASP A 16 4.24 4.48 7.73
CA ASP A 16 5.37 4.09 8.57
C ASP A 16 6.00 2.80 8.07
N GLY A 17 5.48 2.26 6.97
CA GLY A 17 6.01 1.03 6.43
C GLY A 17 5.90 0.95 4.91
N ARG A 18 5.02 0.08 4.42
CA ARG A 18 4.82 -0.08 2.99
C ARG A 18 3.38 -0.48 2.69
N CYS A 19 3.17 -1.15 1.56
CA CYS A 19 1.83 -1.59 1.17
C CYS A 19 1.42 -2.84 1.93
N LYS A 20 0.65 -2.65 2.99
CA LYS A 20 0.18 -3.76 3.81
C LYS A 20 -1.35 -3.82 3.83
N PRO A 21 -1.93 -5.01 4.08
CA PRO A 21 -3.38 -5.18 4.13
C PRO A 21 -4.07 -4.15 5.03
N THR A 22 -4.69 -3.15 4.41
CA THR A 22 -5.39 -2.10 5.14
C THR A 22 -4.55 -1.58 6.29
N PHE A 23 -3.55 -0.76 5.98
CA PHE A 23 -2.67 -0.18 6.99
C PHE A 23 -1.99 -1.27 7.80
N GLU A 1 6.83 8.91 1.67
CA GLU A 1 8.08 9.29 0.95
C GLU A 1 7.77 9.87 -0.42
N ASN A 2 7.13 9.06 -1.27
CA ASN A 2 6.78 9.49 -2.62
C ASN A 2 5.36 10.03 -2.67
N PHE A 3 4.84 10.23 -3.87
CA PHE A 3 3.49 10.73 -4.06
C PHE A 3 2.59 9.67 -4.68
N VAL A 4 3.14 8.48 -4.87
CA VAL A 4 2.39 7.38 -5.46
C VAL A 4 2.71 6.05 -4.76
N GLY A 5 1.80 5.10 -4.88
CA GLY A 5 2.00 3.80 -4.26
C GLY A 5 1.74 2.67 -5.23
N GLY A 6 0.81 1.78 -4.87
CA GLY A 6 0.49 0.64 -5.72
C GLY A 6 -0.03 -0.55 -4.95
N CYS A 7 -0.78 -0.27 -3.88
CA CYS A 7 -1.33 -1.34 -3.05
C CYS A 7 -2.61 -1.91 -3.67
N ALA A 8 -3.00 -3.09 -3.22
CA ALA A 8 -4.20 -3.75 -3.72
C ALA A 8 -5.46 -3.17 -3.08
N THR A 9 -6.60 -3.71 -3.47
CA THR A 9 -7.89 -3.27 -2.93
C THR A 9 -7.87 -3.21 -1.41
N GLY A 10 -7.67 -4.36 -0.78
CA GLY A 10 -7.65 -4.41 0.67
C GLY A 10 -6.31 -3.98 1.24
N PHE A 11 -5.38 -3.64 0.35
CA PHE A 11 -4.05 -3.21 0.78
C PHE A 11 -3.96 -1.68 0.78
N LYS A 12 -3.38 -1.13 1.84
CA LYS A 12 -3.22 0.31 1.97
C LYS A 12 -1.78 0.67 2.30
N ARG A 13 -1.39 1.90 1.95
CA ARG A 13 -0.03 2.37 2.20
C ARG A 13 0.10 2.91 3.62
N THR A 14 0.92 2.25 4.42
CA THR A 14 1.14 2.65 5.80
C THR A 14 2.11 3.82 5.88
N ALA A 15 1.79 4.80 6.75
CA ALA A 15 2.63 5.97 6.91
C ALA A 15 3.91 5.65 7.67
N ASP A 16 4.20 4.36 7.83
CA ASP A 16 5.40 3.93 8.53
C ASP A 16 5.90 2.59 8.02
N GLY A 17 5.37 2.16 6.88
CA GLY A 17 5.78 0.88 6.32
C GLY A 17 5.70 0.87 4.79
N ARG A 18 4.77 0.07 4.27
CA ARG A 18 4.58 -0.05 2.83
C ARG A 18 3.14 -0.43 2.50
N CYS A 19 2.95 -1.12 1.38
CA CYS A 19 1.61 -1.54 0.97
C CYS A 19 1.17 -2.77 1.75
N LYS A 20 0.73 -2.54 2.99
CA LYS A 20 0.28 -3.63 3.85
C LYS A 20 -1.25 -3.69 3.90
N PRO A 21 -1.82 -4.89 4.08
CA PRO A 21 -3.28 -5.07 4.16
C PRO A 21 -3.95 -4.07 5.10
N THR A 22 -4.45 -2.98 4.52
CA THR A 22 -5.12 -1.93 5.30
C THR A 22 -4.17 -1.29 6.30
N PHE A 23 -3.95 0.01 6.15
CA PHE A 23 -3.06 0.77 7.03
C PHE A 23 -3.45 0.57 8.48
#